data_5MTU
#
_entry.id   5MTU
#
_cell.length_a   54.320
_cell.length_b   82.390
_cell.length_c   85.250
_cell.angle_alpha   90.00
_cell.angle_beta   90.00
_cell.angle_gamma   90.00
#
_symmetry.space_group_name_H-M   'P 21 21 21'
#
loop_
_entity.id
_entity.type
_entity.pdbx_description
1 polymer MalE1
2 branched Cyclohexakis-(1-4)-(alpha-D-glucopyranose)
3 water water
#
_entity_poly.entity_id   1
_entity_poly.type   'polypeptide(L)'
_entity_poly.pdbx_seq_one_letter_code
;GSHMKNVSGSVKLWVDTTQVPYYKKIVANFNKKYPDVKVKVTQSPNGSANAKTDVGKDPAKAADVFEVANDQLGSMAEAG
YINPLSPDATKAVKNNNVAVASEGVTWKGKMFAYPFAEQAQTIYYNKSKLTADDVKTWDGLTAKGVLATDFTNAYNFYPV
FLSAGTQLYGKTGETVKGTDVNSAKGEQAMAWFAQQKSNKGVMQTSNALNQLKSGKAAAILDGPWNSANIKKILGKNFAV
APYPTIKLDGKDVQMQAFLGIETFAVNSHASGSNQKAAATLASFITNKESQLIVYDHSGQIPVDKTAQKSSKVASDPVAG
AVMTMAKPGNSTLMPKMPQMATFWNDAAPLINGAYTGSIPASQYSTKLDTFVKNISKAN
;
_entity_poly.pdbx_strand_id   A
#
loop_
_chem_comp.id
_chem_comp.type
_chem_comp.name
_chem_comp.formula
GLC D-saccharide, alpha linking alpha-D-glucopyranose 'C6 H12 O6'
#
# COMPACT_ATOMS: atom_id res chain seq x y z
N ASN A 6 30.65 -15.97 8.02
CA ASN A 6 30.79 -15.12 6.86
C ASN A 6 29.59 -15.28 5.95
N VAL A 7 29.32 -14.25 5.16
CA VAL A 7 28.23 -14.28 4.20
C VAL A 7 28.84 -14.03 2.85
N SER A 8 28.48 -14.89 1.90
N SER A 8 28.51 -14.91 1.91
CA SER A 8 29.02 -14.87 0.56
CA SER A 8 29.03 -14.80 0.55
C SER A 8 27.89 -15.15 -0.40
C SER A 8 27.88 -15.11 -0.40
N GLY A 9 28.05 -14.71 -1.65
CA GLY A 9 27.11 -15.06 -2.68
C GLY A 9 26.84 -13.89 -3.61
N SER A 10 25.93 -14.13 -4.53
CA SER A 10 25.52 -13.13 -5.50
C SER A 10 24.01 -13.05 -5.48
N VAL A 11 23.48 -11.85 -5.42
CA VAL A 11 22.03 -11.69 -5.37
C VAL A 11 21.60 -10.49 -6.18
N LYS A 12 20.44 -10.64 -6.77
CA LYS A 12 19.77 -9.59 -7.53
C LYS A 12 18.64 -9.02 -6.67
N LEU A 13 18.56 -7.69 -6.63
CA LEU A 13 17.56 -6.94 -5.87
C LEU A 13 16.69 -6.14 -6.85
N TRP A 14 15.37 -6.30 -6.72
CA TRP A 14 14.38 -5.53 -7.47
C TRP A 14 13.70 -4.49 -6.60
N VAL A 15 13.71 -3.23 -7.07
CA VAL A 15 13.02 -2.12 -6.46
C VAL A 15 12.30 -1.34 -7.56
N ASP A 16 11.50 -0.35 -7.17
CA ASP A 16 10.85 0.50 -8.16
C ASP A 16 11.85 1.44 -8.81
N THR A 17 11.52 1.89 -10.02
CA THR A 17 12.41 2.71 -10.84
C THR A 17 13.02 3.89 -10.08
N THR A 18 12.20 4.70 -9.44
CA THR A 18 12.75 5.90 -8.82
C THR A 18 13.43 5.62 -7.49
N GLN A 19 13.37 4.39 -7.00
CA GLN A 19 14.03 4.02 -5.75
C GLN A 19 15.45 3.53 -5.98
N VAL A 20 15.82 3.20 -7.20
CA VAL A 20 17.13 2.61 -7.46
C VAL A 20 18.26 3.47 -6.89
N PRO A 21 18.28 4.80 -7.07
CA PRO A 21 19.44 5.55 -6.57
C PRO A 21 19.69 5.39 -5.08
N TYR A 22 18.65 5.43 -4.25
CA TYR A 22 18.90 5.32 -2.82
C TYR A 22 19.02 3.89 -2.35
N TYR A 23 18.47 2.90 -3.08
CA TYR A 23 18.82 1.53 -2.74
C TYR A 23 20.26 1.21 -3.08
N LYS A 24 20.85 1.86 -4.08
N LYS A 24 20.86 1.87 -4.08
CA LYS A 24 22.29 1.70 -4.28
CA LYS A 24 22.29 1.70 -4.29
C LYS A 24 23.07 2.21 -3.07
C LYS A 24 23.07 2.23 -3.08
N LYS A 25 22.62 3.33 -2.46
CA LYS A 25 23.28 3.83 -1.25
C LYS A 25 23.14 2.84 -0.10
N ILE A 26 21.95 2.28 0.07
CA ILE A 26 21.71 1.28 1.11
C ILE A 26 22.56 0.05 0.88
N VAL A 27 22.68 -0.39 -0.38
CA VAL A 27 23.51 -1.55 -0.69
C VAL A 27 24.98 -1.25 -0.45
N ALA A 28 25.43 -0.01 -0.68
CA ALA A 28 26.79 0.34 -0.31
C ALA A 28 27.00 0.18 1.19
N ASN A 29 26.01 0.58 2.01
CA ASN A 29 26.12 0.36 3.45
C ASN A 29 26.14 -1.13 3.78
N PHE A 30 25.31 -1.91 3.10
CA PHE A 30 25.31 -3.36 3.27
C PHE A 30 26.69 -3.93 3.01
N ASN A 31 27.33 -3.49 1.93
CA ASN A 31 28.63 -4.04 1.55
C ASN A 31 29.76 -3.59 2.48
N LYS A 32 29.57 -2.51 3.25
CA LYS A 32 30.55 -2.22 4.30
C LYS A 32 30.62 -3.36 5.30
N LYS A 33 29.46 -3.92 5.64
CA LYS A 33 29.37 -5.00 6.61
C LYS A 33 29.58 -6.38 5.99
N TYR A 34 29.17 -6.54 4.73
CA TYR A 34 29.21 -7.81 4.02
C TYR A 34 29.93 -7.60 2.70
N PRO A 35 31.25 -7.45 2.74
CA PRO A 35 31.99 -7.08 1.53
C PRO A 35 31.98 -8.13 0.45
N ASP A 36 31.68 -9.39 0.77
CA ASP A 36 31.80 -10.52 -0.16
C ASP A 36 30.48 -10.89 -0.84
N VAL A 37 29.44 -10.12 -0.65
CA VAL A 37 28.19 -10.36 -1.33
C VAL A 37 28.09 -9.41 -2.51
N LYS A 38 27.95 -9.98 -3.69
CA LYS A 38 27.80 -9.20 -4.92
C LYS A 38 26.32 -8.96 -5.16
N VAL A 39 25.90 -7.71 -5.07
CA VAL A 39 24.50 -7.33 -5.25
C VAL A 39 24.35 -6.60 -6.57
N LYS A 40 23.35 -6.98 -7.34
CA LYS A 40 22.94 -6.22 -8.53
C LYS A 40 21.59 -5.61 -8.26
N VAL A 41 21.50 -4.30 -8.28
CA VAL A 41 20.26 -3.57 -8.02
C VAL A 41 19.69 -3.12 -9.35
N THR A 42 18.47 -3.54 -9.65
CA THR A 42 17.78 -3.04 -10.82
C THR A 42 16.35 -2.70 -10.46
N GLN A 43 15.70 -1.98 -11.37
CA GLN A 43 14.27 -1.84 -11.26
C GLN A 43 13.61 -3.18 -11.59
N SER A 44 12.41 -3.38 -11.08
CA SER A 44 11.65 -4.56 -11.42
C SER A 44 11.02 -4.42 -12.81
N PRO A 45 10.69 -5.54 -13.45
CA PRO A 45 10.12 -5.47 -14.80
C PRO A 45 8.87 -4.62 -14.88
N ASN A 46 7.95 -4.74 -13.91
CA ASN A 46 6.67 -4.06 -14.04
C ASN A 46 6.28 -3.32 -12.78
N GLY A 47 7.24 -3.07 -11.91
CA GLY A 47 6.99 -2.33 -10.70
C GLY A 47 6.59 -3.24 -9.54
N SER A 48 6.71 -2.69 -8.32
CA SER A 48 6.36 -3.49 -7.14
C SER A 48 4.91 -3.98 -7.19
N ALA A 49 4.00 -3.19 -7.79
CA ALA A 49 2.59 -3.59 -7.89
C ALA A 49 2.40 -4.91 -8.62
N ASN A 50 3.38 -5.31 -9.43
N ASN A 50 3.37 -5.33 -9.44
CA ASN A 50 3.31 -6.55 -10.19
CA ASN A 50 3.28 -6.59 -10.17
C ASN A 50 4.26 -7.63 -9.67
C ASN A 50 4.18 -7.69 -9.63
N ALA A 51 4.68 -7.56 -8.39
CA ALA A 51 5.72 -8.48 -7.91
C ALA A 51 5.33 -9.94 -8.07
N LYS A 52 4.13 -10.33 -7.67
CA LYS A 52 3.82 -11.75 -7.67
C LYS A 52 3.86 -12.32 -9.07
N THR A 53 3.55 -11.48 -10.07
N THR A 53 3.49 -11.55 -10.10
CA THR A 53 3.52 -11.89 -11.46
CA THR A 53 3.62 -12.11 -11.44
C THR A 53 4.89 -11.85 -12.10
C THR A 53 5.04 -11.99 -11.97
N ASP A 54 5.70 -10.85 -11.74
CA ASP A 54 7.07 -10.75 -12.23
C ASP A 54 7.92 -11.92 -11.70
N VAL A 55 7.71 -12.32 -10.45
CA VAL A 55 8.43 -13.46 -9.89
C VAL A 55 7.86 -14.77 -10.41
N GLY A 56 6.53 -14.92 -10.36
CA GLY A 56 5.91 -16.18 -10.70
C GLY A 56 6.09 -16.60 -12.14
N LYS A 57 6.20 -15.64 -13.05
N LYS A 57 6.19 -15.63 -13.06
CA LYS A 57 6.38 -15.99 -14.46
CA LYS A 57 6.42 -15.94 -14.47
C LYS A 57 7.65 -16.81 -14.67
C LYS A 57 7.64 -16.85 -14.63
N ASP A 58 8.68 -16.60 -13.84
CA ASP A 58 9.92 -17.36 -13.98
C ASP A 58 10.76 -17.17 -12.72
N PRO A 59 10.54 -17.98 -11.69
CA PRO A 59 11.25 -17.73 -10.43
C PRO A 59 12.76 -17.75 -10.53
N ALA A 60 13.33 -18.64 -11.33
CA ALA A 60 14.78 -18.74 -11.40
C ALA A 60 15.42 -17.53 -12.06
N LYS A 61 14.66 -16.80 -12.88
N LYS A 61 14.69 -16.78 -12.87
CA LYS A 61 15.19 -15.60 -13.52
CA LYS A 61 15.27 -15.59 -13.49
C LYS A 61 14.91 -14.35 -12.71
C LYS A 61 14.79 -14.30 -12.83
N ALA A 62 13.95 -14.40 -11.80
CA ALA A 62 13.55 -13.23 -11.04
C ALA A 62 14.61 -12.86 -10.01
N ALA A 63 14.48 -11.68 -9.46
CA ALA A 63 15.37 -11.27 -8.39
C ALA A 63 15.29 -12.21 -7.20
N ASP A 64 16.40 -12.29 -6.48
CA ASP A 64 16.45 -13.04 -5.23
C ASP A 64 15.76 -12.31 -4.08
N VAL A 65 15.78 -10.98 -4.09
CA VAL A 65 15.12 -10.16 -3.08
C VAL A 65 14.32 -9.13 -3.87
N PHE A 66 13.03 -8.99 -3.54
CA PHE A 66 12.16 -8.15 -4.35
C PHE A 66 11.15 -7.42 -3.48
N GLU A 67 10.83 -6.20 -3.90
CA GLU A 67 9.85 -5.38 -3.20
C GLU A 67 8.43 -5.87 -3.52
N VAL A 68 7.59 -5.95 -2.49
CA VAL A 68 6.24 -6.47 -2.63
C VAL A 68 5.37 -5.93 -1.50
N ALA A 69 4.16 -5.52 -1.84
CA ALA A 69 3.21 -5.08 -0.83
C ALA A 69 2.53 -6.28 -0.15
N ASN A 70 2.04 -6.04 1.08
CA ASN A 70 1.63 -7.16 1.92
C ASN A 70 0.45 -7.94 1.34
N ASP A 71 -0.41 -7.33 0.53
CA ASP A 71 -1.57 -8.05 0.03
C ASP A 71 -1.19 -9.25 -0.82
N GLN A 72 -0.01 -9.24 -1.44
CA GLN A 72 0.39 -10.30 -2.37
C GLN A 72 0.95 -11.52 -1.66
N LEU A 73 1.14 -11.47 -0.35
CA LEU A 73 1.96 -12.48 0.31
C LEU A 73 1.25 -13.81 0.46
N GLY A 74 -0.07 -13.85 0.71
CA GLY A 74 -0.73 -15.14 0.85
C GLY A 74 -0.67 -15.93 -0.44
N SER A 75 -0.92 -15.27 -1.57
CA SER A 75 -0.81 -15.95 -2.86
C SER A 75 0.59 -16.52 -3.06
N MET A 76 1.61 -15.71 -2.81
CA MET A 76 2.98 -16.16 -3.08
C MET A 76 3.42 -17.26 -2.12
N ALA A 77 2.98 -17.18 -0.87
CA ALA A 77 3.27 -18.22 0.12
C ALA A 77 2.63 -19.53 -0.29
N GLU A 78 1.34 -19.50 -0.65
CA GLU A 78 0.65 -20.74 -1.03
C GLU A 78 1.25 -21.34 -2.29
N ALA A 79 1.76 -20.51 -3.21
CA ALA A 79 2.37 -20.99 -4.44
C ALA A 79 3.80 -21.49 -4.24
N GLY A 80 4.38 -21.27 -3.07
CA GLY A 80 5.73 -21.72 -2.80
C GLY A 80 6.83 -20.81 -3.27
N TYR A 81 6.50 -19.57 -3.66
CA TYR A 81 7.51 -18.64 -4.19
C TYR A 81 8.32 -17.95 -3.12
N ILE A 82 7.86 -17.99 -1.86
CA ILE A 82 8.54 -17.40 -0.71
C ILE A 82 8.38 -18.39 0.43
N ASN A 83 9.45 -18.56 1.21
CA ASN A 83 9.48 -19.44 2.36
C ASN A 83 9.22 -18.67 3.64
N PRO A 84 8.75 -19.33 4.70
CA PRO A 84 8.64 -18.65 5.98
C PRO A 84 9.99 -18.17 6.49
N LEU A 85 10.00 -17.04 7.18
CA LEU A 85 11.19 -16.58 7.88
C LEU A 85 11.55 -17.57 8.99
N SER A 86 12.83 -17.69 9.26
CA SER A 86 13.29 -18.51 10.36
C SER A 86 12.79 -17.97 11.69
N PRO A 87 12.86 -18.77 12.75
CA PRO A 87 12.48 -18.26 14.07
C PRO A 87 13.26 -17.02 14.48
N ASP A 88 14.57 -16.99 14.25
CA ASP A 88 15.36 -15.82 14.63
C ASP A 88 14.99 -14.60 13.80
N ALA A 89 14.76 -14.81 12.50
CA ALA A 89 14.38 -13.66 11.67
C ALA A 89 13.02 -13.12 12.05
N THR A 90 12.10 -14.02 12.38
CA THR A 90 10.78 -13.63 12.84
C THR A 90 10.85 -12.82 14.12
N LYS A 91 11.65 -13.30 15.09
N LYS A 91 11.67 -13.29 15.08
CA LYS A 91 11.80 -12.60 16.36
CA LYS A 91 11.81 -12.59 16.36
C LYS A 91 12.28 -11.16 16.13
C LYS A 91 12.29 -11.17 16.14
N ALA A 92 13.23 -10.98 15.23
CA ALA A 92 13.77 -9.65 14.98
C ALA A 92 12.73 -8.76 14.35
N VAL A 93 11.99 -9.27 13.35
CA VAL A 93 10.94 -8.45 12.74
C VAL A 93 9.94 -8.02 13.80
N LYS A 94 9.51 -8.96 14.63
N LYS A 94 9.53 -8.97 14.64
CA LYS A 94 8.48 -8.66 15.63
CA LYS A 94 8.49 -8.69 15.62
C LYS A 94 8.98 -7.65 16.65
C LYS A 94 8.98 -7.68 16.67
N ASN A 95 10.23 -7.81 17.11
CA ASN A 95 10.75 -6.91 18.15
C ASN A 95 10.99 -5.52 17.61
N ASN A 96 11.42 -5.41 16.35
CA ASN A 96 11.94 -4.14 15.87
C ASN A 96 10.88 -3.23 15.28
N ASN A 97 9.73 -3.77 14.88
CA ASN A 97 8.76 -3.04 14.10
C ASN A 97 7.41 -2.99 14.80
N VAL A 98 6.59 -2.01 14.40
CA VAL A 98 5.28 -1.85 15.00
C VAL A 98 4.42 -3.08 14.71
N ALA A 99 3.42 -3.28 15.56
CA ALA A 99 2.62 -4.51 15.52
C ALA A 99 1.95 -4.72 14.16
N VAL A 100 1.42 -3.65 13.55
CA VAL A 100 0.71 -3.84 12.29
C VAL A 100 1.66 -4.30 11.19
N ALA A 101 2.96 -3.96 11.28
CA ALA A 101 3.91 -4.45 10.29
C ALA A 101 4.07 -5.96 10.37
N SER A 102 4.13 -6.49 11.60
CA SER A 102 4.18 -7.94 11.78
C SER A 102 2.89 -8.59 11.28
N GLU A 103 1.73 -8.00 11.60
CA GLU A 103 0.47 -8.56 11.10
C GLU A 103 0.48 -8.56 9.58
N GLY A 104 0.99 -7.49 8.99
CA GLY A 104 1.01 -7.39 7.55
C GLY A 104 1.78 -8.47 6.85
N VAL A 105 2.86 -8.99 7.46
CA VAL A 105 3.69 -10.01 6.81
C VAL A 105 3.37 -11.41 7.25
N THR A 106 2.39 -11.61 8.13
CA THR A 106 2.09 -12.90 8.72
C THR A 106 0.90 -13.54 8.00
N TRP A 107 1.09 -14.78 7.55
CA TRP A 107 0.07 -15.57 6.86
C TRP A 107 -0.02 -16.91 7.56
N LYS A 108 -1.19 -17.22 8.09
CA LYS A 108 -1.39 -18.47 8.82
C LYS A 108 -0.32 -18.67 9.89
N GLY A 109 0.00 -17.61 10.60
CA GLY A 109 0.88 -17.69 11.74
C GLY A 109 2.36 -17.61 11.46
N LYS A 110 2.76 -17.51 10.19
CA LYS A 110 4.18 -17.48 9.81
C LYS A 110 4.46 -16.20 9.04
N MET A 111 5.62 -15.61 9.26
CA MET A 111 6.03 -14.44 8.50
C MET A 111 6.66 -14.85 7.18
N PHE A 112 6.34 -14.10 6.11
CA PHE A 112 6.83 -14.40 4.78
C PHE A 112 7.57 -13.25 4.13
N ALA A 113 7.79 -12.14 4.83
CA ALA A 113 8.52 -11.02 4.25
C ALA A 113 9.04 -10.14 5.36
N TYR A 114 9.89 -9.20 4.96
CA TYR A 114 10.60 -8.28 5.83
C TYR A 114 9.97 -6.90 5.64
N PRO A 115 9.19 -6.40 6.58
CA PRO A 115 8.47 -5.14 6.38
C PRO A 115 9.40 -3.96 6.53
N PHE A 116 9.10 -2.88 5.79
CA PHE A 116 9.90 -1.67 5.94
C PHE A 116 9.13 -0.35 5.92
N ALA A 117 7.92 -0.28 5.37
CA ALA A 117 7.21 1.00 5.29
C ALA A 117 5.74 0.81 5.56
N GLU A 118 5.17 1.80 6.27
CA GLU A 118 3.78 1.85 6.61
C GLU A 118 3.10 2.82 5.65
N GLN A 119 2.12 2.35 4.92
CA GLN A 119 1.49 3.14 3.85
C GLN A 119 0.01 3.34 4.13
N ALA A 120 -0.41 4.60 4.20
CA ALA A 120 -1.82 4.94 4.17
C ALA A 120 -1.91 6.20 3.34
N GLN A 121 -2.88 6.25 2.44
CA GLN A 121 -3.13 7.47 1.72
C GLN A 121 -3.72 8.53 2.66
N THR A 122 -3.48 9.77 2.26
CA THR A 122 -3.91 10.98 2.94
C THR A 122 -4.32 12.00 1.89
N ILE A 123 -4.93 13.09 2.35
CA ILE A 123 -5.17 14.26 1.49
C ILE A 123 -3.90 15.07 1.46
N TYR A 124 -3.39 15.33 0.26
CA TYR A 124 -2.33 16.31 0.05
C TYR A 124 -2.97 17.50 -0.65
N TYR A 125 -2.71 18.71 -0.16
CA TYR A 125 -3.43 19.85 -0.70
C TYR A 125 -2.60 21.13 -0.62
N ASN A 126 -2.99 22.08 -1.45
CA ASN A 126 -2.40 23.41 -1.53
C ASN A 126 -3.08 24.30 -0.50
N LYS A 127 -2.36 24.67 0.56
CA LYS A 127 -2.95 25.41 1.66
C LYS A 127 -3.33 26.83 1.30
N SER A 128 -2.88 27.37 0.17
N SER A 128 -2.87 27.35 0.16
CA SER A 128 -3.38 28.65 -0.26
CA SER A 128 -3.33 28.64 -0.32
C SER A 128 -4.71 28.55 -0.98
C SER A 128 -4.68 28.55 -1.01
N LYS A 129 -5.15 27.34 -1.32
CA LYS A 129 -6.42 27.12 -2.00
C LYS A 129 -7.49 26.56 -1.09
N LEU A 130 -7.12 25.81 -0.06
CA LEU A 130 -8.05 25.17 0.87
C LEU A 130 -7.50 25.33 2.28
N THR A 131 -8.40 25.49 3.25
CA THR A 131 -7.98 25.55 4.63
C THR A 131 -7.98 24.17 5.29
N ALA A 132 -7.35 24.11 6.45
CA ALA A 132 -7.40 22.89 7.26
C ALA A 132 -8.84 22.51 7.62
N ASP A 133 -9.71 23.48 7.83
CA ASP A 133 -11.09 23.13 8.11
C ASP A 133 -11.81 22.63 6.86
N ASP A 134 -11.52 23.23 5.69
CA ASP A 134 -12.18 22.82 4.46
C ASP A 134 -11.98 21.34 4.18
N VAL A 135 -10.80 20.79 4.52
CA VAL A 135 -10.48 19.42 4.13
C VAL A 135 -11.04 18.39 5.09
N LYS A 136 -11.81 18.78 6.10
CA LYS A 136 -12.34 17.83 7.07
C LYS A 136 -13.47 16.98 6.52
N THR A 137 -14.21 17.47 5.53
CA THR A 137 -15.34 16.75 4.95
C THR A 137 -15.18 16.73 3.44
N TRP A 138 -15.61 15.63 2.83
CA TRP A 138 -15.49 15.48 1.38
C TRP A 138 -16.32 16.52 0.66
N ASP A 139 -17.59 16.67 1.05
CA ASP A 139 -18.46 17.61 0.36
C ASP A 139 -17.98 19.04 0.55
N GLY A 140 -17.51 19.38 1.76
CA GLY A 140 -17.03 20.72 1.99
C GLY A 140 -15.75 21.03 1.23
N LEU A 141 -14.86 20.06 1.14
CA LEU A 141 -13.61 20.25 0.38
C LEU A 141 -13.95 20.49 -1.08
N THR A 142 -14.72 19.59 -1.67
CA THR A 142 -15.01 19.62 -3.09
C THR A 142 -15.92 20.78 -3.47
N ALA A 143 -16.65 21.37 -2.52
CA ALA A 143 -17.40 22.59 -2.79
C ALA A 143 -16.49 23.81 -2.92
N LYS A 144 -15.25 23.72 -2.42
CA LYS A 144 -14.34 24.84 -2.36
C LYS A 144 -13.14 24.71 -3.29
N GLY A 145 -12.86 23.52 -3.79
CA GLY A 145 -11.72 23.33 -4.68
C GLY A 145 -11.81 21.98 -5.34
N VAL A 146 -10.95 21.76 -6.34
CA VAL A 146 -10.99 20.54 -7.13
C VAL A 146 -10.06 19.50 -6.52
N LEU A 147 -10.60 18.33 -6.28
CA LEU A 147 -9.87 17.15 -5.85
C LEU A 147 -9.74 16.23 -7.07
N ALA A 148 -8.51 15.92 -7.48
CA ALA A 148 -8.26 15.06 -8.63
C ALA A 148 -7.96 13.64 -8.14
N THR A 149 -8.59 12.66 -8.78
CA THR A 149 -8.47 11.28 -8.33
C THR A 149 -8.89 10.34 -9.45
N ASP A 150 -8.83 9.03 -9.16
CA ASP A 150 -9.01 8.01 -10.18
C ASP A 150 -9.97 6.94 -9.67
N PHE A 151 -11.21 6.94 -10.18
CA PHE A 151 -12.22 5.95 -9.82
C PHE A 151 -12.01 4.60 -10.50
N THR A 152 -11.02 4.49 -11.36
CA THR A 152 -10.65 3.18 -11.92
C THR A 152 -9.66 2.42 -11.06
N ASN A 153 -9.21 3.02 -9.96
CA ASN A 153 -8.23 2.43 -9.06
C ASN A 153 -8.94 1.96 -7.79
N ALA A 154 -9.04 0.65 -7.62
CA ALA A 154 -9.77 0.09 -6.49
C ALA A 154 -9.04 0.29 -5.16
N TYR A 155 -7.71 0.45 -5.18
CA TYR A 155 -7.00 0.78 -3.97
C TYR A 155 -7.44 2.14 -3.43
N ASN A 156 -7.75 3.07 -4.32
CA ASN A 156 -8.24 4.37 -3.89
C ASN A 156 -9.60 4.25 -3.19
N PHE A 157 -10.55 3.51 -3.79
CA PHE A 157 -11.96 3.65 -3.46
C PHE A 157 -12.63 2.46 -2.82
N TYR A 158 -12.08 1.24 -2.90
CA TYR A 158 -12.76 0.14 -2.22
C TYR A 158 -13.00 0.46 -0.75
N PRO A 159 -12.11 1.15 -0.04
CA PRO A 159 -12.36 1.35 1.39
C PRO A 159 -13.62 2.14 1.71
N VAL A 160 -14.26 2.82 0.74
CA VAL A 160 -15.58 3.39 1.03
C VAL A 160 -16.56 2.30 1.46
N PHE A 161 -16.43 1.08 0.92
CA PHE A 161 -17.26 -0.04 1.38
C PHE A 161 -17.03 -0.35 2.86
N LEU A 162 -15.81 -0.15 3.34
CA LEU A 162 -15.50 -0.36 4.76
C LEU A 162 -16.08 0.77 5.60
N SER A 163 -16.01 2.00 5.11
CA SER A 163 -16.71 3.10 5.76
C SER A 163 -18.19 2.83 5.87
N ALA A 164 -18.77 2.15 4.88
CA ALA A 164 -20.19 1.82 4.86
C ALA A 164 -20.54 0.73 5.86
N GLY A 165 -19.56 0.09 6.49
CA GLY A 165 -19.84 -0.91 7.49
C GLY A 165 -19.78 -2.34 7.03
N THR A 166 -19.23 -2.59 5.84
CA THR A 166 -19.06 -3.96 5.37
C THR A 166 -17.67 -4.46 5.77
N GLN A 167 -17.48 -5.77 5.67
CA GLN A 167 -16.19 -6.42 5.93
C GLN A 167 -15.63 -6.98 4.62
N LEU A 168 -14.30 -7.04 4.57
CA LEU A 168 -13.57 -7.61 3.44
C LEU A 168 -12.83 -8.85 3.95
N TYR A 169 -13.31 -10.00 3.53
CA TYR A 169 -12.75 -11.27 3.99
C TYR A 169 -12.83 -11.37 5.51
N GLY A 170 -13.95 -10.91 6.06
CA GLY A 170 -14.25 -11.14 7.45
C GLY A 170 -13.57 -10.19 8.39
N LYS A 171 -13.65 -10.56 9.68
CA LYS A 171 -13.25 -9.67 10.77
C LYS A 171 -11.80 -9.21 10.64
N THR A 172 -10.88 -10.13 10.31
CA THR A 172 -9.46 -9.82 10.26
C THR A 172 -8.87 -10.12 8.88
N GLY A 173 -9.71 -10.21 7.86
CA GLY A 173 -9.23 -10.39 6.51
C GLY A 173 -8.76 -11.79 6.18
N GLU A 174 -9.19 -12.79 6.96
CA GLU A 174 -8.74 -14.16 6.79
C GLU A 174 -9.85 -15.12 6.40
N THR A 175 -11.07 -14.65 6.17
CA THR A 175 -12.23 -15.51 6.00
C THR A 175 -12.65 -15.50 4.53
N VAL A 176 -12.50 -16.64 3.84
CA VAL A 176 -12.73 -16.70 2.39
C VAL A 176 -14.13 -16.19 2.04
N LYS A 177 -15.16 -16.59 2.80
CA LYS A 177 -16.54 -16.21 2.51
C LYS A 177 -16.99 -15.00 3.32
N GLY A 178 -16.06 -14.23 3.88
CA GLY A 178 -16.41 -13.18 4.81
C GLY A 178 -16.68 -11.79 4.25
N THR A 179 -16.66 -11.60 2.93
CA THR A 179 -16.98 -10.29 2.36
C THR A 179 -18.49 -10.18 2.23
N ASP A 180 -19.07 -9.16 2.87
CA ASP A 180 -20.52 -9.06 3.00
C ASP A 180 -21.07 -7.78 2.37
N VAL A 181 -20.43 -7.33 1.28
CA VAL A 181 -20.84 -6.10 0.61
C VAL A 181 -22.11 -6.25 -0.20
N ASN A 182 -22.60 -7.47 -0.35
CA ASN A 182 -23.86 -7.71 -1.04
C ASN A 182 -25.02 -7.46 -0.07
N SER A 183 -25.23 -6.18 0.20
CA SER A 183 -26.13 -5.74 1.27
C SER A 183 -26.54 -4.30 1.00
N ALA A 184 -27.52 -3.83 1.77
CA ALA A 184 -27.89 -2.41 1.72
C ALA A 184 -26.69 -1.51 2.02
N LYS A 185 -25.79 -1.94 2.91
CA LYS A 185 -24.61 -1.12 3.19
C LYS A 185 -23.71 -1.01 1.96
N GLY A 186 -23.53 -2.12 1.24
CA GLY A 186 -22.77 -2.04 0.00
C GLY A 186 -23.42 -1.11 -1.02
N GLU A 187 -24.74 -1.13 -1.09
CA GLU A 187 -25.44 -0.23 -2.01
C GLU A 187 -25.21 1.23 -1.66
N GLN A 188 -25.09 1.54 -0.36
CA GLN A 188 -24.81 2.91 0.04
C GLN A 188 -23.47 3.38 -0.50
N ALA A 189 -22.46 2.51 -0.49
CA ALA A 189 -21.17 2.86 -1.07
C ALA A 189 -21.28 3.06 -2.59
N MET A 190 -21.97 2.16 -3.27
CA MET A 190 -22.16 2.30 -4.71
C MET A 190 -22.82 3.64 -5.03
N ALA A 191 -23.83 4.02 -4.25
CA ALA A 191 -24.51 5.30 -4.46
C ALA A 191 -23.56 6.47 -4.25
N TRP A 192 -22.64 6.37 -3.29
CA TRP A 192 -21.66 7.44 -3.07
C TRP A 192 -20.77 7.60 -4.29
N PHE A 193 -20.27 6.49 -4.84
CA PHE A 193 -19.44 6.61 -6.05
C PHE A 193 -20.22 7.32 -7.15
N ALA A 194 -21.46 6.91 -7.35
CA ALA A 194 -22.28 7.49 -8.42
C ALA A 194 -22.48 8.98 -8.23
N GLN A 195 -22.65 9.42 -6.99
CA GLN A 195 -22.85 10.83 -6.70
C GLN A 195 -21.65 11.65 -7.12
N GLN A 196 -20.45 11.07 -7.10
CA GLN A 196 -19.27 11.87 -7.39
C GLN A 196 -19.16 12.26 -8.84
N LYS A 197 -19.85 11.56 -9.75
CA LYS A 197 -19.75 11.88 -11.18
C LYS A 197 -20.24 13.29 -11.45
N SER A 198 -21.25 13.76 -10.71
CA SER A 198 -21.81 15.09 -10.88
C SER A 198 -21.26 16.11 -9.89
N ASN A 199 -20.29 15.72 -9.07
CA ASN A 199 -19.62 16.65 -8.16
C ASN A 199 -18.57 17.41 -8.97
N LYS A 200 -18.83 18.70 -9.19
CA LYS A 200 -17.93 19.50 -10.03
C LYS A 200 -16.55 19.69 -9.39
N GLY A 201 -16.42 19.42 -8.10
CA GLY A 201 -15.15 19.47 -7.42
C GLY A 201 -14.37 18.17 -7.44
N VAL A 202 -14.81 17.17 -8.18
CA VAL A 202 -14.11 15.90 -8.28
C VAL A 202 -13.72 15.69 -9.73
N MET A 203 -12.42 15.63 -10.00
CA MET A 203 -11.87 15.48 -11.34
C MET A 203 -11.31 14.08 -11.51
N GLN A 204 -11.87 13.30 -12.43
CA GLN A 204 -11.31 12.02 -12.80
C GLN A 204 -10.05 12.21 -13.63
N THR A 205 -8.98 11.52 -13.26
CA THR A 205 -7.73 11.62 -13.99
C THR A 205 -6.90 10.37 -13.74
N SER A 206 -6.13 9.97 -14.74
CA SER A 206 -5.20 8.87 -14.57
C SER A 206 -3.89 9.31 -13.94
N ASN A 207 -3.70 10.61 -13.71
CA ASN A 207 -2.47 11.05 -13.02
C ASN A 207 -2.81 12.28 -12.18
N ALA A 208 -3.28 12.02 -10.96
CA ALA A 208 -3.67 13.10 -10.08
C ALA A 208 -2.48 13.97 -9.71
N LEU A 209 -1.32 13.36 -9.51
CA LEU A 209 -0.14 14.14 -9.11
C LEU A 209 0.15 15.22 -10.15
N ASN A 210 0.00 14.89 -11.43
CA ASN A 210 0.25 15.86 -12.47
C ASN A 210 -0.75 17.00 -12.47
N GLN A 211 -2.00 16.73 -12.05
CA GLN A 211 -2.99 17.79 -11.95
C GLN A 211 -2.67 18.72 -10.78
N LEU A 212 -2.13 18.16 -9.70
CA LEU A 212 -1.65 19.02 -8.62
C LEU A 212 -0.49 19.87 -9.11
N LYS A 213 0.46 19.28 -9.83
CA LYS A 213 1.63 20.01 -10.32
C LYS A 213 1.25 21.16 -11.23
N SER A 214 0.27 20.94 -12.11
CA SER A 214 -0.16 21.98 -13.04
C SER A 214 -1.04 23.05 -12.39
N GLY A 215 -1.50 22.82 -11.16
CA GLY A 215 -2.38 23.76 -10.50
C GLY A 215 -3.85 23.57 -10.81
N LYS A 216 -4.22 22.58 -11.63
CA LYS A 216 -5.63 22.34 -11.93
C LYS A 216 -6.37 21.64 -10.80
N ALA A 217 -5.65 21.03 -9.88
CA ALA A 217 -6.24 20.45 -8.67
C ALA A 217 -5.71 21.19 -7.46
N ALA A 218 -6.59 21.41 -6.50
CA ALA A 218 -6.22 21.93 -5.19
C ALA A 218 -5.83 20.83 -4.21
N ALA A 219 -6.27 19.59 -4.44
CA ALA A 219 -6.06 18.49 -3.51
C ALA A 219 -6.04 17.20 -4.30
N ILE A 220 -5.33 16.21 -3.76
CA ILE A 220 -5.34 14.85 -4.27
C ILE A 220 -5.31 13.89 -3.08
N LEU A 221 -5.74 12.65 -3.33
CA LEU A 221 -5.48 11.53 -2.43
C LEU A 221 -4.23 10.83 -2.94
N ASP A 222 -3.25 10.59 -2.07
CA ASP A 222 -2.03 9.93 -2.50
C ASP A 222 -1.36 9.34 -1.27
N GLY A 223 -0.32 8.54 -1.50
CA GLY A 223 0.39 7.89 -0.43
C GLY A 223 1.80 8.38 -0.23
N PRO A 224 2.47 7.87 0.81
CA PRO A 224 3.75 8.48 1.23
C PRO A 224 4.89 8.21 0.29
N TRP A 225 4.74 7.26 -0.65
CA TRP A 225 5.72 7.13 -1.73
C TRP A 225 5.88 8.42 -2.51
N ASN A 226 4.89 9.31 -2.44
CA ASN A 226 4.95 10.63 -3.07
C ASN A 226 5.10 11.78 -2.08
N SER A 227 5.41 11.53 -0.82
CA SER A 227 5.49 12.61 0.16
C SER A 227 6.53 13.65 -0.23
N ALA A 228 7.79 13.22 -0.40
CA ALA A 228 8.83 14.19 -0.77
C ALA A 228 8.52 14.83 -2.12
N ASN A 229 7.98 14.05 -3.05
CA ASN A 229 7.65 14.60 -4.36
C ASN A 229 6.64 15.73 -4.24
N ILE A 230 5.62 15.55 -3.41
CA ILE A 230 4.57 16.55 -3.26
C ILE A 230 5.05 17.76 -2.47
N LYS A 231 5.92 17.54 -1.46
CA LYS A 231 6.53 18.66 -0.77
C LYS A 231 7.31 19.55 -1.73
N LYS A 232 8.01 18.95 -2.71
CA LYS A 232 8.74 19.74 -3.69
C LYS A 232 7.79 20.50 -4.60
N ILE A 233 6.73 19.85 -5.06
CA ILE A 233 5.75 20.49 -5.94
C ILE A 233 5.11 21.68 -5.26
N LEU A 234 4.64 21.50 -4.03
CA LEU A 234 3.86 22.55 -3.37
C LEU A 234 4.70 23.55 -2.60
N GLY A 235 5.93 23.22 -2.23
CA GLY A 235 6.79 24.17 -1.53
C GLY A 235 6.15 24.65 -0.26
N LYS A 236 6.14 25.97 -0.06
CA LYS A 236 5.59 26.54 1.15
C LYS A 236 4.08 26.41 1.24
N ASN A 237 3.41 26.01 0.15
CA ASN A 237 1.98 25.73 0.19
C ASN A 237 1.65 24.28 0.52
N PHE A 238 2.65 23.47 0.83
CA PHE A 238 2.37 22.07 1.16
C PHE A 238 1.50 21.93 2.40
N ALA A 239 0.50 21.04 2.34
CA ALA A 239 -0.24 20.63 3.51
C ALA A 239 -0.72 19.21 3.31
N VAL A 240 -0.97 18.54 4.43
CA VAL A 240 -1.48 17.17 4.41
C VAL A 240 -2.48 17.02 5.53
N ALA A 241 -3.46 16.14 5.32
CA ALA A 241 -4.47 15.84 6.32
C ALA A 241 -4.87 14.38 6.19
N PRO A 242 -5.33 13.77 7.28
CA PRO A 242 -5.98 12.46 7.13
C PRO A 242 -7.24 12.60 6.29
N TYR A 243 -7.76 11.44 5.86
CA TYR A 243 -8.96 11.43 5.05
C TYR A 243 -10.14 12.07 5.78
N PRO A 244 -11.07 12.63 5.02
CA PRO A 244 -12.19 13.38 5.58
C PRO A 244 -13.35 12.46 5.92
N THR A 245 -14.42 13.06 6.46
CA THR A 245 -15.69 12.35 6.52
C THR A 245 -16.40 12.41 5.16
N ILE A 246 -17.24 11.41 4.93
CA ILE A 246 -18.17 11.34 3.81
C ILE A 246 -19.55 11.07 4.37
N LYS A 247 -20.57 11.36 3.55
CA LYS A 247 -21.96 11.09 3.90
C LYS A 247 -22.39 9.79 3.22
N LEU A 248 -22.79 8.81 4.02
CA LEU A 248 -23.31 7.53 3.56
C LEU A 248 -24.66 7.36 4.22
N ASP A 249 -25.70 7.17 3.44
CA ASP A 249 -27.05 7.06 4.01
C ASP A 249 -27.33 8.22 4.98
N GLY A 250 -26.92 9.44 4.60
CA GLY A 250 -27.18 10.64 5.39
C GLY A 250 -26.33 10.82 6.64
N LYS A 251 -25.43 9.91 6.94
CA LYS A 251 -24.62 9.95 8.14
C LYS A 251 -23.19 10.33 7.76
N ASP A 252 -22.55 11.13 8.59
CA ASP A 252 -21.12 11.41 8.40
C ASP A 252 -20.30 10.30 9.04
N VAL A 253 -19.45 9.69 8.24
CA VAL A 253 -18.56 8.61 8.68
C VAL A 253 -17.19 8.88 8.12
N GLN A 254 -16.14 8.39 8.79
CA GLN A 254 -14.81 8.64 8.26
C GLN A 254 -14.63 7.83 6.97
N MET A 255 -14.12 8.48 5.93
CA MET A 255 -13.71 7.79 4.70
C MET A 255 -12.42 7.04 4.99
N GLN A 256 -12.40 5.73 4.78
CA GLN A 256 -11.22 4.93 5.05
C GLN A 256 -10.28 4.93 3.84
N ALA A 257 -9.03 4.62 4.13
CA ALA A 257 -8.06 4.13 3.16
C ALA A 257 -7.66 2.71 3.55
N PHE A 258 -7.00 1.99 2.65
CA PHE A 258 -6.27 0.81 3.07
C PHE A 258 -5.03 1.21 3.87
N LEU A 259 -4.64 0.34 4.79
N LEU A 259 -4.68 0.37 4.83
CA LEU A 259 -3.33 0.43 5.44
CA LEU A 259 -3.36 0.39 5.44
C LEU A 259 -2.47 -0.71 4.88
C LEU A 259 -2.56 -0.71 4.74
N GLY A 260 -1.44 -0.35 4.13
CA GLY A 260 -0.57 -1.32 3.50
C GLY A 260 0.79 -1.33 4.17
N ILE A 261 1.45 -2.47 4.08
CA ILE A 261 2.81 -2.62 4.57
C ILE A 261 3.66 -3.00 3.38
N GLU A 262 4.66 -2.18 3.07
CA GLU A 262 5.60 -2.52 1.99
C GLU A 262 6.71 -3.36 2.58
N THR A 263 7.15 -4.34 1.80
CA THR A 263 8.09 -5.36 2.28
C THR A 263 9.12 -5.71 1.21
N PHE A 264 10.17 -6.37 1.63
CA PHE A 264 11.00 -7.18 0.75
C PHE A 264 10.82 -8.64 1.09
N ALA A 265 10.74 -9.47 0.06
CA ALA A 265 10.69 -10.90 0.25
C ALA A 265 11.86 -11.57 -0.47
N VAL A 266 12.18 -12.77 0.01
CA VAL A 266 13.24 -13.60 -0.53
C VAL A 266 12.63 -14.65 -1.45
N ASN A 267 13.08 -14.70 -2.68
CA ASN A 267 12.65 -15.70 -3.66
C ASN A 267 13.10 -17.08 -3.19
N SER A 268 12.17 -18.02 -3.09
CA SER A 268 12.52 -19.35 -2.64
C SER A 268 13.41 -20.13 -3.61
N HIS A 269 13.64 -19.64 -4.82
CA HIS A 269 14.52 -20.36 -5.72
C HIS A 269 15.95 -20.45 -5.19
N ALA A 270 16.44 -19.38 -4.56
CA ALA A 270 17.83 -19.34 -4.16
C ALA A 270 18.14 -20.45 -3.16
N SER A 271 19.36 -20.96 -3.23
CA SER A 271 19.83 -22.03 -2.37
C SER A 271 21.24 -21.72 -1.91
N GLY A 272 21.77 -22.54 -1.01
CA GLY A 272 23.15 -22.43 -0.62
C GLY A 272 23.52 -21.03 -0.15
N SER A 273 24.74 -20.64 -0.54
N SER A 273 24.72 -20.61 -0.53
CA SER A 273 25.26 -19.32 -0.17
CA SER A 273 25.19 -19.32 -0.06
C SER A 273 24.33 -18.22 -0.61
C SER A 273 24.36 -18.17 -0.62
N ASN A 274 23.85 -18.30 -1.84
CA ASN A 274 23.02 -17.22 -2.38
C ASN A 274 21.76 -17.01 -1.56
N GLN A 275 21.17 -18.09 -1.04
CA GLN A 275 19.99 -17.95 -0.18
C GLN A 275 20.34 -17.22 1.11
N LYS A 276 21.47 -17.60 1.74
CA LYS A 276 21.88 -16.91 2.95
C LYS A 276 22.17 -15.45 2.67
N ALA A 277 22.81 -15.15 1.55
CA ALA A 277 23.09 -13.78 1.18
C ALA A 277 21.81 -13.00 0.96
N ALA A 278 20.82 -13.62 0.31
CA ALA A 278 19.55 -12.95 0.05
C ALA A 278 18.83 -12.61 1.35
N ALA A 279 18.77 -13.56 2.28
CA ALA A 279 18.12 -13.30 3.56
C ALA A 279 18.85 -12.21 4.33
N THR A 280 20.19 -12.21 4.28
CA THR A 280 20.96 -11.18 4.96
C THR A 280 20.68 -9.81 4.34
N LEU A 281 20.63 -9.76 3.01
CA LEU A 281 20.32 -8.50 2.33
C LEU A 281 18.92 -8.01 2.69
N ALA A 282 17.93 -8.91 2.65
CA ALA A 282 16.57 -8.49 2.95
C ALA A 282 16.45 -7.92 4.36
N SER A 283 17.08 -8.59 5.34
N SER A 283 17.13 -8.54 5.33
CA SER A 283 17.12 -8.06 6.69
CA SER A 283 17.07 -8.03 6.69
C SER A 283 17.77 -6.67 6.72
C SER A 283 17.83 -6.72 6.84
N PHE A 284 18.92 -6.55 6.08
CA PHE A 284 19.68 -5.30 6.16
C PHE A 284 18.91 -4.12 5.53
N ILE A 285 18.39 -4.31 4.33
CA ILE A 285 17.77 -3.19 3.61
C ILE A 285 16.43 -2.78 4.22
N THR A 286 15.92 -3.58 5.15
CA THR A 286 14.72 -3.27 5.93
C THR A 286 15.05 -2.93 7.38
N ASN A 287 16.32 -2.73 7.72
CA ASN A 287 16.69 -2.36 9.08
C ASN A 287 16.43 -0.88 9.33
N LYS A 288 16.65 -0.45 10.57
CA LYS A 288 16.29 0.90 10.96
C LYS A 288 17.06 1.93 10.14
N GLU A 289 18.37 1.77 10.01
CA GLU A 289 19.16 2.74 9.27
C GLU A 289 18.67 2.87 7.83
N SER A 290 18.38 1.74 7.21
CA SER A 290 17.92 1.72 5.83
C SER A 290 16.53 2.33 5.70
N GLN A 291 15.62 2.03 6.64
CA GLN A 291 14.31 2.68 6.63
C GLN A 291 14.45 4.20 6.72
N LEU A 292 15.40 4.70 7.51
CA LEU A 292 15.56 6.13 7.65
C LEU A 292 16.15 6.74 6.37
N ILE A 293 17.00 6.01 5.64
CA ILE A 293 17.46 6.48 4.34
C ILE A 293 16.30 6.57 3.36
N VAL A 294 15.44 5.56 3.35
CA VAL A 294 14.25 5.62 2.50
C VAL A 294 13.42 6.84 2.86
N TYR A 295 13.19 7.06 4.16
CA TYR A 295 12.46 8.23 4.62
C TYR A 295 13.10 9.51 4.12
N ASP A 296 14.43 9.62 4.26
CA ASP A 296 15.11 10.85 3.88
C ASP A 296 14.92 11.17 2.40
N HIS A 297 14.82 10.15 1.53
CA HIS A 297 14.70 10.37 0.09
C HIS A 297 13.27 10.53 -0.37
N SER A 298 12.36 9.66 0.06
CA SER A 298 11.02 9.61 -0.48
C SER A 298 9.96 10.14 0.48
N GLY A 299 10.25 10.18 1.77
CA GLY A 299 9.25 10.47 2.76
C GLY A 299 8.41 9.28 3.20
N GLN A 300 8.70 8.07 2.72
CA GLN A 300 7.95 6.92 3.21
C GLN A 300 8.19 6.73 4.71
N ILE A 301 7.14 6.25 5.37
CA ILE A 301 7.09 6.17 6.82
C ILE A 301 7.68 4.84 7.31
N PRO A 302 8.70 4.86 8.15
CA PRO A 302 9.24 3.60 8.69
C PRO A 302 8.22 2.82 9.47
N VAL A 303 8.40 1.49 9.50
CA VAL A 303 7.73 0.63 10.46
C VAL A 303 8.57 0.36 11.71
N ASP A 304 9.86 0.65 11.68
CA ASP A 304 10.71 0.43 12.84
C ASP A 304 10.22 1.29 14.00
N LYS A 305 10.10 0.66 15.18
CA LYS A 305 9.54 1.36 16.34
C LYS A 305 10.37 2.57 16.72
N THR A 306 11.70 2.41 16.73
CA THR A 306 12.60 3.49 17.11
C THR A 306 12.56 4.60 16.08
N ALA A 307 12.61 4.25 14.80
CA ALA A 307 12.59 5.25 13.74
C ALA A 307 11.31 6.08 13.78
N GLN A 308 10.16 5.46 14.04
CA GLN A 308 8.91 6.23 14.05
C GLN A 308 8.93 7.31 15.11
N LYS A 309 9.56 7.06 16.24
CA LYS A 309 9.57 8.02 17.32
C LYS A 309 10.74 8.98 17.23
N SER A 310 11.61 8.82 16.23
CA SER A 310 12.73 9.73 16.08
C SER A 310 12.21 11.14 15.87
N SER A 311 13.00 12.12 16.30
CA SER A 311 12.53 13.51 16.18
C SER A 311 12.19 13.87 14.75
N LYS A 312 13.00 13.39 13.80
CA LYS A 312 12.82 13.71 12.40
C LYS A 312 11.46 13.21 11.87
N VAL A 313 11.14 11.95 12.14
CA VAL A 313 9.88 11.41 11.65
C VAL A 313 8.72 11.95 12.46
N ALA A 314 8.91 12.06 13.78
CA ALA A 314 7.83 12.50 14.67
C ALA A 314 7.37 13.92 14.35
N SER A 315 8.23 14.75 13.77
CA SER A 315 7.83 16.11 13.45
C SER A 315 7.28 16.25 12.04
N ASP A 316 7.25 15.18 11.26
CA ASP A 316 6.81 15.27 9.87
C ASP A 316 5.28 15.21 9.84
N PRO A 317 4.60 16.21 9.28
CA PRO A 317 3.13 16.16 9.27
C PRO A 317 2.59 14.95 8.53
N VAL A 318 3.29 14.43 7.52
CA VAL A 318 2.81 13.24 6.81
C VAL A 318 2.81 12.04 7.74
N ALA A 319 3.87 11.89 8.52
CA ALA A 319 3.89 10.81 9.49
C ALA A 319 2.71 10.91 10.44
N GLY A 320 2.42 12.11 10.93
CA GLY A 320 1.29 12.27 11.83
C GLY A 320 -0.01 11.86 11.17
N ALA A 321 -0.22 12.28 9.91
CA ALA A 321 -1.45 11.92 9.23
C ALA A 321 -1.55 10.42 9.00
N VAL A 322 -0.42 9.78 8.66
CA VAL A 322 -0.42 8.32 8.49
C VAL A 322 -0.75 7.62 9.80
N MET A 323 -0.17 8.09 10.91
CA MET A 323 -0.45 7.47 12.20
C MET A 323 -1.91 7.62 12.59
N THR A 324 -2.54 8.74 12.22
CA THR A 324 -3.99 8.87 12.38
C THR A 324 -4.72 7.86 11.50
N MET A 325 -4.33 7.78 10.23
CA MET A 325 -5.00 6.86 9.32
C MET A 325 -4.95 5.43 9.81
N ALA A 326 -3.85 5.04 10.45
CA ALA A 326 -3.67 3.67 10.92
C ALA A 326 -4.61 3.31 12.07
N LYS A 327 -5.23 4.27 12.73
CA LYS A 327 -6.11 3.94 13.85
C LYS A 327 -7.35 3.21 13.37
N PRO A 328 -7.87 2.28 14.17
CA PRO A 328 -9.15 1.65 13.85
C PRO A 328 -10.21 2.68 13.50
N GLY A 329 -10.99 2.33 12.48
CA GLY A 329 -12.01 3.19 11.95
C GLY A 329 -11.54 4.10 10.84
N ASN A 330 -10.25 4.37 10.77
CA ASN A 330 -9.72 5.26 9.75
C ASN A 330 -9.09 4.52 8.58
N SER A 331 -8.79 3.24 8.74
CA SER A 331 -8.24 2.40 7.69
C SER A 331 -8.46 0.95 8.07
N THR A 332 -8.22 0.07 7.10
CA THR A 332 -8.22 -1.37 7.28
C THR A 332 -6.98 -1.91 6.62
N LEU A 333 -6.25 -2.78 7.32
CA LEU A 333 -5.09 -3.46 6.73
C LEU A 333 -5.49 -4.21 5.47
N MET A 334 -4.73 -4.06 4.39
CA MET A 334 -5.04 -4.83 3.19
C MET A 334 -4.99 -6.32 3.50
N PRO A 335 -6.03 -7.08 3.20
CA PRO A 335 -5.93 -8.53 3.34
C PRO A 335 -4.92 -9.11 2.36
N LYS A 336 -4.52 -10.34 2.65
CA LYS A 336 -3.50 -11.01 1.86
C LYS A 336 -3.96 -12.39 1.41
N MET A 337 -5.27 -12.61 1.35
CA MET A 337 -5.86 -13.84 0.87
C MET A 337 -5.32 -14.23 -0.49
N PRO A 338 -5.22 -15.52 -0.81
N PRO A 338 -5.22 -15.52 -0.81
CA PRO A 338 -4.76 -15.92 -2.13
CA PRO A 338 -4.75 -15.89 -2.15
C PRO A 338 -5.67 -15.48 -3.26
C PRO A 338 -5.65 -15.35 -3.25
N GLN A 339 -6.92 -15.08 -2.94
CA GLN A 339 -7.90 -14.54 -3.87
C GLN A 339 -7.68 -13.08 -4.21
N MET A 340 -6.65 -12.42 -3.65
CA MET A 340 -6.57 -10.97 -3.82
C MET A 340 -6.45 -10.56 -5.29
N ALA A 341 -5.79 -11.33 -6.17
CA ALA A 341 -5.74 -10.93 -7.57
C ALA A 341 -7.15 -10.82 -8.13
N THR A 342 -8.01 -11.78 -7.82
CA THR A 342 -9.37 -11.74 -8.32
C THR A 342 -10.13 -10.58 -7.72
N PHE A 343 -9.95 -10.36 -6.42
CA PHE A 343 -10.54 -9.20 -5.76
C PHE A 343 -10.17 -7.90 -6.47
N TRP A 344 -8.88 -7.64 -6.71
CA TRP A 344 -8.52 -6.37 -7.34
C TRP A 344 -9.08 -6.29 -8.75
N ASN A 345 -9.03 -7.39 -9.49
CA ASN A 345 -9.50 -7.38 -10.86
C ASN A 345 -10.98 -7.03 -10.93
N ASP A 346 -11.78 -7.55 -9.99
CA ASP A 346 -13.22 -7.37 -10.03
C ASP A 346 -13.65 -6.09 -9.32
N ALA A 347 -12.89 -5.64 -8.33
CA ALA A 347 -13.32 -4.47 -7.56
C ALA A 347 -13.27 -3.20 -8.40
N ALA A 348 -12.26 -3.06 -9.27
CA ALA A 348 -12.12 -1.81 -10.02
C ALA A 348 -13.32 -1.56 -10.93
N PRO A 349 -13.80 -2.53 -11.72
CA PRO A 349 -14.98 -2.27 -12.55
C PRO A 349 -16.26 -2.13 -11.74
N LEU A 350 -16.37 -2.77 -10.57
CA LEU A 350 -17.52 -2.57 -9.70
C LEU A 350 -17.64 -1.09 -9.32
N ILE A 351 -16.55 -0.54 -8.82
CA ILE A 351 -16.52 0.85 -8.36
C ILE A 351 -16.67 1.80 -9.53
N ASN A 352 -15.85 1.63 -10.56
CA ASN A 352 -15.89 2.56 -11.67
C ASN A 352 -17.22 2.48 -12.40
N GLY A 353 -17.81 1.29 -12.46
CA GLY A 353 -19.12 1.18 -13.08
C GLY A 353 -20.16 1.99 -12.33
N ALA A 354 -20.11 1.96 -11.00
CA ALA A 354 -21.03 2.80 -10.22
C ALA A 354 -20.77 4.28 -10.49
N TYR A 355 -19.50 4.68 -10.52
CA TYR A 355 -19.14 6.06 -10.76
C TYR A 355 -19.64 6.55 -12.11
N THR A 356 -19.36 5.80 -13.19
CA THR A 356 -19.69 6.31 -14.51
C THR A 356 -21.16 6.14 -14.86
N GLY A 357 -21.88 5.29 -14.14
CA GLY A 357 -23.23 4.91 -14.49
C GLY A 357 -23.34 3.69 -15.39
N SER A 358 -22.24 3.08 -15.79
CA SER A 358 -22.31 1.81 -16.50
C SER A 358 -23.08 0.78 -15.70
N ILE A 359 -22.92 0.80 -14.37
CA ILE A 359 -23.79 0.09 -13.44
C ILE A 359 -24.80 1.10 -12.89
N PRO A 360 -26.07 1.02 -13.29
CA PRO A 360 -27.11 1.89 -12.72
C PRO A 360 -27.55 1.39 -11.36
N ALA A 361 -28.23 2.27 -10.60
CA ALA A 361 -28.67 1.90 -9.26
C ALA A 361 -29.54 0.64 -9.26
N SER A 362 -30.35 0.46 -10.32
CA SER A 362 -31.20 -0.72 -10.42
C SER A 362 -30.40 -2.02 -10.45
N GLN A 363 -29.10 -1.97 -10.72
CA GLN A 363 -28.26 -3.15 -10.78
C GLN A 363 -27.31 -3.29 -9.60
N TYR A 364 -27.32 -2.37 -8.63
CA TYR A 364 -26.32 -2.46 -7.56
C TYR A 364 -26.40 -3.78 -6.83
N SER A 365 -27.60 -4.18 -6.42
CA SER A 365 -27.72 -5.39 -5.62
C SER A 365 -27.22 -6.62 -6.39
N THR A 366 -27.58 -6.72 -7.67
CA THR A 366 -27.16 -7.84 -8.49
C THR A 366 -25.64 -7.86 -8.64
N LYS A 367 -25.06 -6.71 -8.95
CA LYS A 367 -23.63 -6.66 -9.18
C LYS A 367 -22.86 -6.97 -7.89
N LEU A 368 -23.35 -6.52 -6.74
CA LEU A 368 -22.67 -6.81 -5.48
C LEU A 368 -22.76 -8.30 -5.14
N ASP A 369 -23.91 -8.92 -5.41
CA ASP A 369 -24.05 -10.37 -5.21
C ASP A 369 -23.05 -11.12 -6.08
N THR A 370 -22.95 -10.75 -7.36
CA THR A 370 -22.04 -11.41 -8.28
C THR A 370 -20.59 -11.22 -7.82
N PHE A 371 -20.24 -9.99 -7.40
CA PHE A 371 -18.90 -9.70 -6.90
C PHE A 371 -18.52 -10.62 -5.76
N VAL A 372 -19.40 -10.75 -4.76
CA VAL A 372 -19.07 -11.60 -3.62
C VAL A 372 -18.84 -13.04 -4.05
N LYS A 373 -19.67 -13.55 -4.98
N LYS A 373 -19.68 -13.55 -4.97
CA LYS A 373 -19.45 -14.91 -5.46
CA LYS A 373 -19.45 -14.91 -5.46
C LYS A 373 -18.11 -15.02 -6.17
C LYS A 373 -18.09 -15.01 -6.14
N ASN A 374 -17.76 -13.99 -6.94
CA ASN A 374 -16.53 -14.04 -7.75
C ASN A 374 -15.29 -14.06 -6.89
N ILE A 375 -15.28 -13.34 -5.76
CA ILE A 375 -14.05 -13.15 -4.99
C ILE A 375 -13.92 -14.14 -3.84
N SER A 376 -14.88 -15.06 -3.69
N SER A 376 -14.86 -15.07 -3.68
CA SER A 376 -14.96 -15.94 -2.53
CA SER A 376 -14.88 -15.95 -2.51
C SER A 376 -14.73 -17.41 -2.90
C SER A 376 -14.68 -17.41 -2.87
N LYS A 377 -14.04 -17.69 -4.01
CA LYS A 377 -13.81 -19.07 -4.43
C LYS A 377 -12.56 -19.70 -3.81
C1 GLC B . 1.48 0.63 -13.08
C1 GLC B . 1.89 0.30 -13.14
C2 GLC B . 2.98 0.42 -12.88
C2 GLC B . 3.37 0.57 -12.86
C3 GLC B . 3.34 0.43 -11.40
C3 GLC B . 3.59 0.47 -11.36
C4 GLC B . 2.71 1.62 -10.70
C4 GLC B . 2.76 1.56 -10.70
C5 GLC B . 1.23 1.78 -11.03
C5 GLC B . 1.28 1.49 -11.08
C6 GLC B . 0.64 3.07 -10.50
C6 GLC B . 0.60 2.80 -10.74
O2 GLC B . 3.38 -0.81 -13.50
O2 GLC B . 4.21 -0.36 -13.55
O3 GLC B . 4.75 0.52 -11.24
O3 GLC B . 4.96 0.65 -11.07
O4 GLC B . 2.84 1.43 -9.28
O4 GLC B . 2.86 1.41 -9.27
O5 GLC B . 1.08 1.83 -12.45
O5 GLC B . 1.10 1.29 -12.50
O6 GLC B . -0.77 3.14 -10.64
O6 GLC B . -0.78 2.77 -11.10
H1 GLC B . 1.23 0.80 -14.13
H1 GLC B . 1.66 0.45 -14.19
H2 GLC B . 3.50 1.23 -13.38
H2 GLC B . 3.61 1.58 -13.21
H3 GLC B . 3.11 -0.52 -10.92
H3 GLC B . 3.37 -0.53 -10.99
H4 GLC B . 3.22 2.52 -11.00
H4 GLC B . 3.14 2.53 -11.00
H5 GLC B . 0.62 0.97 -10.61
H5 GLC B . 0.75 0.73 -10.52
H61 GLC B . 1.12 3.95 -10.92
H61 GLC B . 1.09 3.66 -11.18
H62 GLC B . 0.78 3.13 -9.42
H62 GLC B . 0.57 2.95 -9.67
HO2 GLC B . 4.10 -1.19 -12.93
HO2 GLC B . 4.24 -1.19 -13.00
HO3 GLC B . 4.98 0.46 -10.28
HO3 GLC B . 5.31 1.42 -11.59
C1 GLC B . 3.78 2.24 -8.63
C1 GLC B . 3.79 2.23 -8.64
C2 GLC B . 4.63 1.38 -7.71
C2 GLC B . 4.64 1.38 -7.70
C3 GLC B . 3.77 0.83 -6.58
C3 GLC B . 3.78 0.83 -6.57
C4 GLC B . 2.96 1.92 -5.89
C4 GLC B . 2.96 1.92 -5.89
C5 GLC B . 2.25 2.84 -6.89
C5 GLC B . 2.25 2.84 -6.89
C6 GLC B . 1.71 4.12 -6.28
C6 GLC B . 1.71 4.12 -6.28
O2 GLC B . 5.20 0.30 -8.45
O2 GLC B . 5.22 0.30 -8.44
O3 GLC B . 4.62 0.17 -5.64
O3 GLC B . 4.62 0.17 -5.63
O4 GLC B . 2.03 1.17 -5.09
O4 GLC B . 2.03 1.17 -5.09
O5 GLC B . 3.17 3.27 -7.90
O5 GLC B . 3.17 3.27 -7.90
O6 GLC B . 1.10 4.94 -7.26
O6 GLC B . 1.11 4.93 -7.27
H1 GLC B . 4.45 2.70 -9.39
H1 GLC B . 4.45 2.68 -9.38
H2 GLC B . 5.47 1.96 -7.32
H2 GLC B . 5.47 1.96 -7.30
H3 GLC B . 3.07 0.10 -6.96
H3 GLC B . 3.07 0.10 -6.97
H4 GLC B . 3.62 2.53 -5.27
H4 GLC B . 3.62 2.53 -5.27
H5 GLC B . 1.50 2.31 -7.47
H5 GLC B . 1.50 2.30 -7.48
H61 GLC B . 2.46 4.71 -5.76
H61 GLC B . 2.46 4.70 -5.76
H62 GLC B . 0.91 3.94 -5.55
H62 GLC B . 0.93 3.95 -5.56
HO2 GLC B . 6.18 0.25 -8.29
HO2 GLC B . 6.19 0.26 -8.28
HO3 GLC B . 5.28 0.84 -5.33
HO3 GLC B . 5.28 0.84 -5.33
HO6 GLC B . 0.86 5.81 -6.84
HO6 GLC B . 0.87 5.81 -6.85
C1 GLC B . 1.19 1.81 -4.16
C1 GLC B . 1.19 1.82 -4.16
C2 GLC B . 1.06 0.88 -2.97
C2 GLC B . 1.06 0.89 -2.97
C3 GLC B . 0.38 -0.42 -3.38
C3 GLC B . 0.39 -0.41 -3.38
C4 GLC B . -0.92 -0.16 -4.14
C4 GLC B . -0.90 -0.16 -4.14
C5 GLC B . -0.74 0.88 -5.24
C5 GLC B . -0.74 0.88 -5.24
C6 GLC B . -2.07 1.33 -5.81
C6 GLC B . -2.07 1.33 -5.81
O2 GLC B . 2.37 0.60 -2.46
O2 GLC B . 2.36 0.62 -2.46
O3 GLC B . 0.12 -1.19 -2.21
O3 GLC B . 0.13 -1.19 -2.22
O4 GLC B . -1.30 -1.39 -4.77
O4 GLC B . -1.28 -1.39 -4.77
O5 GLC B . -0.08 2.05 -4.72
O5 GLC B . -0.09 2.06 -4.72
O6 GLC B . -1.96 1.94 -7.09
O6 GLC B . -1.96 1.94 -7.09
H1 GLC B . 1.55 2.80 -3.87
H1 GLC B . 1.55 2.80 -3.87
H2 GLC B . 0.62 1.38 -2.10
H2 GLC B . 0.62 1.39 -2.11
H3 GLC B . 1.06 -0.97 -4.03
H3 GLC B . 1.06 -0.97 -4.03
H4 GLC B . -1.69 0.19 -3.46
H4 GLC B . -1.69 0.19 -3.46
H5 GLC B . -0.07 0.56 -6.03
H5 GLC B . -0.07 0.56 -6.03
H61 GLC B . -2.58 1.98 -5.10
H61 GLC B . -2.58 1.98 -5.10
H62 GLC B . -2.80 0.54 -6.02
H62 GLC B . -2.79 0.54 -6.02
HO2 GLC B . 2.39 0.84 -1.49
HO2 GLC B . 2.33 0.67 -1.46
HO3 GLC B . -0.14 -2.09 -2.55
HO3 GLC B . -0.14 -2.08 -2.54
HO6 GLC B . -1.87 2.92 -6.94
HO6 GLC B . -1.87 2.92 -6.94
C1 GLC B . -2.34 -2.14 -4.19
C1 GLC B . -2.33 -2.13 -4.19
C2 GLC B . -1.89 -3.59 -4.08
C2 GLC B . -1.89 -3.59 -4.08
C3 GLC B . -1.69 -4.20 -5.47
C3 GLC B . -1.69 -4.20 -5.47
C4 GLC B . -2.93 -3.98 -6.33
C4 GLC B . -2.93 -3.97 -6.32
C5 GLC B . -3.36 -2.51 -6.32
C5 GLC B . -3.36 -2.51 -6.32
C6 GLC B . -4.69 -2.29 -7.00
C6 GLC B . -4.68 -2.28 -7.00
O2 GLC B . -0.69 -3.66 -3.32
O2 GLC B . -0.69 -3.66 -3.32
O3 GLC B . -1.37 -5.58 -5.40
O3 GLC B . -1.37 -5.58 -5.40
O4 GLC B . -2.51 -4.34 -7.65
O4 GLC B . -2.53 -4.35 -7.64
O5 GLC B . -3.52 -2.04 -4.97
O5 GLC B . -3.51 -2.03 -4.97
O6 GLC B . -4.88 -0.93 -7.35
O6 GLC B . -4.88 -0.94 -7.36
H1 GLC B . -2.53 -1.72 -3.20
H1 GLC B . -2.53 -1.72 -3.20
H2 GLC B . -2.58 -4.21 -3.51
H2 GLC B . -2.59 -4.20 -3.52
H3 GLC B . -0.86 -3.67 -5.93
H3 GLC B . -0.86 -3.67 -5.93
H4 GLC B . -3.75 -4.60 -5.97
H4 GLC B . -3.75 -4.59 -5.96
H5 GLC B . -2.57 -1.86 -6.68
H5 GLC B . -2.56 -1.86 -6.69
H61 GLC B . -5.49 -2.64 -6.37
H61 GLC B . -5.50 -2.63 -6.36
H62 GLC B . -4.80 -2.81 -7.95
H62 GLC B . -4.81 -2.82 -7.95
HO2 GLC B . -0.73 -4.44 -2.72
HO2 GLC B . -0.73 -4.44 -2.72
HO3 GLC B . -1.82 -5.92 -4.58
HO3 GLC B . -1.82 -5.92 -4.58
HO6 GLC B . -4.54 -0.37 -6.61
HO6 GLC B . -4.54 -0.37 -6.62
C1 GLC B . -3.32 -5.23 -8.41
C1 GLC B . -3.36 -5.22 -8.40
C2 GLC B . -2.40 -6.19 -9.16
C2 GLC B . -2.46 -6.24 -9.10
C3 GLC B . -1.57 -5.43 -10.19
C3 GLC B . -1.51 -5.52 -10.05
C4 GLC B . -2.46 -4.55 -11.07
C4 GLC B . -2.29 -4.62 -10.99
C5 GLC B . -3.37 -3.69 -10.21
C5 GLC B . -3.24 -3.70 -10.23
C6 GLC B . -4.37 -2.89 -11.00
C6 GLC B . -4.16 -2.89 -11.11
O2 GLC B . -1.53 -6.83 -8.23
O2 GLC B . -1.73 -6.98 -8.13
O3 GLC B . -0.86 -6.36 -11.01
O3 GLC B . -0.71 -6.50 -10.72
O4 GLC B . -1.63 -3.72 -11.88
O4 GLC B . -1.28 -3.85 -11.67
O5 GLC B . -4.13 -4.53 -9.32
O5 GLC B . -4.08 -4.48 -9.37
O6 GLC B . -5.02 -3.71 -11.95
O6 GLC B . -5.15 -3.71 -11.73
H1 GLC B . -4.05 -5.76 -7.80
H1 GLC B . -4.14 -5.68 -7.81
H2 GLC B . -2.97 -7.00 -9.60
H2 GLC B . -3.06 -6.98 -9.60
H3 GLC B . -0.84 -4.79 -9.70
H3 GLC B . -0.83 -4.90 -9.48
H4 GLC B . -3.07 -5.21 -11.69
H4 GLC B . -2.85 -5.23 -11.70
H5 GLC B . -2.77 -2.99 -9.63
H5 GLC B . -2.66 -3.00 -9.63
H61 GLC B . -3.94 -2.00 -11.46
H61 GLC B . -3.65 -2.27 -11.83
H62 GLC B . -5.19 -2.57 -10.36
H62 GLC B . -4.78 -2.24 -10.49
HO3 GLC B . 0.02 -5.94 -11.23
HO3 GLC B . -0.32 -6.06 -11.51
HO6 GLC B . -5.31 -4.54 -11.48
HO6 GLC B . -5.27 -4.52 -11.18
C1 GLC B . -2.11 -3.26 -13.14
C1 GLC B . -1.25 -3.87 -13.08
C2 GLC B . -0.94 -3.31 -14.11
C2 GLC B . 0.13 -4.27 -13.57
C3 GLC B . 0.19 -2.46 -13.54
C3 GLC B . 1.15 -3.25 -13.10
C4 GLC B . -0.31 -1.04 -13.27
C4 GLC B . 0.75 -1.83 -13.50
C5 GLC B . -1.62 -1.00 -12.49
C5 GLC B . -0.72 -1.52 -13.21
C6 GLC B . -2.28 0.36 -12.48
C6 GLC B . -1.20 -0.31 -13.99
O2 GLC B . -0.50 -4.66 -14.28
O2 GLC B . 0.48 -5.54 -13.04
O3 GLC B . 1.27 -2.42 -14.46
O3 GLC B . 2.41 -3.56 -13.66
O4 GLC B . 0.74 -0.42 -12.49
O4 GLC B . 1.60 -1.00 -12.69
O5 GLC B . -2.57 -1.93 -13.06
O5 GLC B . -1.58 -2.60 -13.60
O6 GLC B . -3.26 0.56 -11.45
O6 GLC B . -2.54 0.04 -13.67
H1 GLC B . -2.97 -3.82 -13.51
H1 GLC B . -2.03 -4.51 -13.51
H2 GLC B . -1.27 -2.97 -15.10
H2 GLC B . 0.12 -4.39 -14.65
H3 GLC B . 0.52 -2.92 -12.61
H3 GLC B . 1.21 -3.32 -12.01
H4 GLC B . -0.47 -0.49 -14.19
H4 GLC B . 0.92 -1.65 -14.56
H5 GLC B . -1.48 -1.39 -11.48
H5 GLC B . -0.90 -1.41 -12.14
H61 GLC B . -1.63 1.24 -12.37
H61 GLC B . -0.66 0.63 -13.86
H62 GLC B . -2.75 0.53 -13.46
H62 GLC B . -1.13 -0.52 -15.06
HO2 GLC B . 0.09 -4.83 -13.51
HO3 GLC B . 0.89 -2.13 -15.33
HO6 GLC B . -2.88 0.28 -10.58
HO6 GLC B . -3.01 -0.76 -13.32
#